data_3FOQ
#
_entry.id   3FOQ
#
_cell.length_a   285.700
_cell.length_b   285.700
_cell.length_c   285.700
_cell.angle_alpha   90.00
_cell.angle_beta   90.00
_cell.angle_gamma   90.00
#
_symmetry.space_group_name_H-M   'I 4 3 2'
#
loop_
_entity.id
_entity.type
_entity.pdbx_description
1 polymer 'Bifunctional protein glmU'
2 non-polymer 'SULFATE ION'
#
_entity_poly.entity_id   1
_entity_poly.type   'polypeptide(L)'
_entity_poly.pdbx_seq_one_letter_code
;MKHHHHHHMTFPGDTAVLVLAAGPGTRMRSDTPKVLHTLAGRSMLSHVLHAIAKLAPQRLIVVLGHDHQRIAPLVGELAD
TLGRTIDVALQDRPLGTGHAVLCGLSALPDDYAGNVVVTSGDTPLLDADTLADLIATHRAVSAAVTVLTTTLDDPFGYGR
ILRTQDHEVMAIVEQTDATPSQREIREVNAGVYAFDIAALRSALSRLSSNNAQQELYLTDVIAILRSDGQTVHASHVDDS
ALVAGVNNRVQLAELASELNRRVVAAHQLAGVTVVDPATTWIDVDVTIGRDTVIHPGTQLLGRTQIGGRCVVGPDTTLTD
VAVGDGASVVRTHGSSSSIGDGAAVGPFTYLRPGTALGADGKLGAFVEVKNSTIGTGTKVPHLTYVGDADIGEYSNIGAS
SVFVNYDGTSKRRTTVGSHVRTGSDTMFVAPVTIGDGAYTGAGTVVREDVPPGALAVSAGPQRNIENWVQRKRPGSPAAQ
ASKRASEMACQQPTQPPDADQTP
;
_entity_poly.pdbx_strand_id   A
#
# COMPACT_ATOMS: atom_id res chain seq x y z
N MET A 9 8.79 24.80 1.17
CA MET A 9 8.99 23.86 0.03
C MET A 9 10.46 23.56 -0.20
N THR A 10 10.76 22.29 -0.47
CA THR A 10 12.13 21.84 -0.72
C THR A 10 12.39 21.59 -2.21
N PHE A 11 13.46 22.18 -2.73
CA PHE A 11 13.83 22.06 -4.14
C PHE A 11 15.31 22.41 -4.36
N PRO A 12 16.00 21.67 -5.23
CA PRO A 12 17.39 21.98 -5.56
C PRO A 12 17.50 23.03 -6.67
N GLY A 13 18.72 23.32 -7.10
CA GLY A 13 18.97 24.27 -8.18
C GLY A 13 18.74 23.66 -9.55
N ASP A 14 19.80 23.59 -10.35
CA ASP A 14 19.74 22.98 -11.67
C ASP A 14 20.37 21.60 -11.67
N THR A 15 19.53 20.57 -11.55
CA THR A 15 19.99 19.19 -11.44
C THR A 15 19.20 18.23 -12.33
N ALA A 16 19.86 17.15 -12.76
CA ALA A 16 19.23 16.09 -13.53
C ALA A 16 19.49 14.75 -12.84
N VAL A 17 18.42 14.00 -12.57
CA VAL A 17 18.53 12.76 -11.81
C VAL A 17 18.34 11.53 -12.70
N LEU A 18 19.32 10.62 -12.66
CA LEU A 18 19.28 9.37 -13.41
C LEU A 18 19.00 8.19 -12.48
N VAL A 19 17.94 7.44 -12.79
CA VAL A 19 17.57 6.25 -12.02
C VAL A 19 18.07 5.00 -12.74
N LEU A 20 18.80 4.15 -12.02
CA LEU A 20 19.35 2.93 -12.58
C LEU A 20 18.52 1.70 -12.18
N ALA A 21 17.65 1.28 -13.09
CA ALA A 21 16.81 0.10 -12.87
C ALA A 21 16.93 -0.87 -14.03
N ALA A 22 18.18 -1.18 -14.40
CA ALA A 22 18.47 -2.04 -15.55
C ALA A 22 18.97 -3.42 -15.12
N GLY A 23 19.01 -3.67 -13.81
CA GLY A 23 19.45 -4.94 -13.26
C GLY A 23 18.49 -6.09 -13.54
N PRO A 24 19.01 -7.27 -13.90
CA PRO A 24 18.19 -8.44 -14.23
C PRO A 24 17.44 -9.01 -13.02
N GLY A 25 18.04 -8.91 -11.83
CA GLY A 25 17.43 -9.40 -10.60
C GLY A 25 17.41 -10.92 -10.53
N THR A 26 18.57 -11.53 -10.75
CA THR A 26 18.72 -12.98 -10.70
C THR A 26 18.69 -13.49 -9.25
N ARG A 27 19.15 -12.65 -8.33
CA ARG A 27 19.21 -12.97 -6.91
C ARG A 27 17.82 -13.00 -6.26
N MET A 28 16.86 -12.31 -6.90
CA MET A 28 15.47 -12.29 -6.43
C MET A 28 14.76 -13.61 -6.71
N ARG A 29 15.17 -14.29 -7.78
CA ARG A 29 14.55 -15.54 -8.25
C ARG A 29 13.06 -15.35 -8.55
N SER A 30 12.76 -14.38 -9.41
CA SER A 30 11.39 -14.02 -9.74
C SER A 30 11.18 -13.79 -11.23
N ASP A 31 9.99 -14.13 -11.71
CA ASP A 31 9.58 -13.85 -13.09
C ASP A 31 9.25 -12.36 -13.24
N THR A 32 8.68 -11.78 -12.18
CA THR A 32 8.39 -10.35 -12.13
C THR A 32 9.66 -9.60 -11.73
N PRO A 33 10.08 -8.62 -12.56
CA PRO A 33 11.29 -7.80 -12.36
C PRO A 33 11.49 -7.29 -10.94
N LYS A 34 12.75 -7.23 -10.52
CA LYS A 34 13.15 -6.85 -9.15
C LYS A 34 12.55 -5.53 -8.68
N VAL A 35 12.67 -4.49 -9.51
CA VAL A 35 12.31 -3.12 -9.13
C VAL A 35 10.79 -2.90 -9.01
N LEU A 36 10.00 -3.80 -9.61
CA LEU A 36 8.54 -3.71 -9.56
C LEU A 36 7.92 -4.40 -8.33
N HIS A 37 8.77 -4.98 -7.47
CA HIS A 37 8.31 -5.62 -6.24
C HIS A 37 7.81 -4.60 -5.22
N THR A 38 6.61 -4.83 -4.71
CA THR A 38 5.95 -3.90 -3.79
C THR A 38 6.27 -4.17 -2.33
N LEU A 39 6.43 -3.09 -1.56
CA LEU A 39 6.63 -3.17 -0.12
C LEU A 39 5.97 -1.98 0.58
N ALA A 40 5.16 -2.29 1.60
CA ALA A 40 4.43 -1.27 2.38
C ALA A 40 3.64 -0.27 1.53
N GLY A 41 2.96 -0.77 0.51
CA GLY A 41 2.12 0.07 -0.34
C GLY A 41 2.59 0.18 -1.78
N ARG A 42 3.76 0.79 -1.96
CA ARG A 42 4.28 1.08 -3.30
C ARG A 42 5.44 0.14 -3.68
N SER A 43 5.75 0.10 -4.97
CA SER A 43 6.87 -0.67 -5.49
C SER A 43 8.20 0.06 -5.26
N MET A 44 9.32 -0.62 -5.50
CA MET A 44 10.65 -0.04 -5.31
C MET A 44 10.92 1.12 -6.27
N LEU A 45 10.40 1.00 -7.49
CA LEU A 45 10.51 2.07 -8.49
C LEU A 45 9.67 3.27 -8.09
N SER A 46 8.49 3.00 -7.53
CA SER A 46 7.58 4.05 -7.07
C SER A 46 8.13 4.81 -5.87
N HIS A 47 8.85 4.09 -5.00
CA HIS A 47 9.47 4.69 -3.81
C HIS A 47 10.61 5.65 -4.16
N VAL A 48 11.40 5.29 -5.18
CA VAL A 48 12.52 6.11 -5.63
C VAL A 48 12.02 7.36 -6.36
N LEU A 49 11.11 7.17 -7.31
CA LEU A 49 10.61 8.26 -8.15
C LEU A 49 9.75 9.28 -7.40
N HIS A 50 9.09 8.84 -6.32
CA HIS A 50 8.31 9.74 -5.47
C HIS A 50 9.20 10.69 -4.67
N ALA A 51 10.34 10.17 -4.21
CA ALA A 51 11.30 10.95 -3.42
C ALA A 51 11.99 12.03 -4.25
N ILE A 52 12.23 11.73 -5.53
CA ILE A 52 12.84 12.69 -6.46
C ILE A 52 11.82 13.75 -6.89
N ALA A 53 10.56 13.34 -6.97
CA ALA A 53 9.47 14.25 -7.35
C ALA A 53 9.12 15.25 -6.25
N LYS A 54 9.44 14.91 -5.01
CA LYS A 54 9.24 15.80 -3.87
C LYS A 54 10.09 17.07 -3.98
N LEU A 55 11.34 16.90 -4.38
CA LEU A 55 12.24 18.04 -4.62
C LEU A 55 12.06 18.61 -6.03
N ALA A 56 11.72 17.72 -6.98
CA ALA A 56 11.46 18.07 -8.38
C ALA A 56 12.64 18.72 -9.11
N PRO A 57 13.43 17.92 -9.85
CA PRO A 57 14.54 18.43 -10.65
C PRO A 57 14.08 18.92 -12.02
N GLN A 58 15.05 19.34 -12.84
CA GLN A 58 14.76 19.78 -14.21
C GLN A 58 14.59 18.61 -15.16
N ARG A 59 15.35 17.55 -14.93
CA ARG A 59 15.29 16.34 -15.76
C ARG A 59 15.28 15.07 -14.90
N LEU A 60 14.48 14.09 -15.34
CA LEU A 60 14.43 12.78 -14.70
C LEU A 60 14.36 11.68 -15.75
N ILE A 61 15.37 10.82 -15.78
CA ILE A 61 15.48 9.73 -16.75
C ILE A 61 15.77 8.41 -16.05
N VAL A 62 15.07 7.36 -16.45
CA VAL A 62 15.24 6.02 -15.88
C VAL A 62 15.82 5.05 -16.92
N VAL A 63 16.93 4.41 -16.57
CA VAL A 63 17.57 3.41 -17.41
C VAL A 63 16.97 2.03 -17.14
N LEU A 64 16.63 1.31 -18.21
CA LEU A 64 15.96 0.02 -18.09
C LEU A 64 16.64 -1.10 -18.88
N GLY A 65 16.51 -2.33 -18.40
CA GLY A 65 17.00 -3.52 -19.10
C GLY A 65 15.95 -4.01 -20.08
N HIS A 66 15.12 -4.95 -19.62
CA HIS A 66 13.93 -5.34 -20.38
C HIS A 66 12.84 -4.31 -20.15
N ASP A 67 12.71 -3.39 -21.10
CA ASP A 67 11.95 -2.16 -20.91
C ASP A 67 10.44 -2.27 -21.04
N HIS A 68 9.97 -3.13 -21.94
CA HIS A 68 8.56 -3.14 -22.34
C HIS A 68 7.57 -3.45 -21.22
N GLN A 69 7.99 -4.26 -20.25
CA GLN A 69 7.16 -4.57 -19.09
C GLN A 69 7.24 -3.45 -18.03
N ARG A 70 8.37 -2.73 -18.05
CA ARG A 70 8.63 -1.68 -17.06
C ARG A 70 8.20 -0.28 -17.55
N ILE A 71 7.96 -0.17 -18.86
CA ILE A 71 7.57 1.11 -19.48
C ILE A 71 6.07 1.40 -19.34
N ALA A 72 5.32 0.40 -18.84
CA ALA A 72 3.88 0.56 -18.62
C ALA A 72 3.55 1.34 -17.33
N PRO A 73 4.11 0.93 -16.17
CA PRO A 73 3.87 1.70 -14.95
C PRO A 73 4.61 3.05 -14.96
N LEU A 74 5.80 3.07 -15.57
CA LEU A 74 6.59 4.29 -15.71
C LEU A 74 6.01 5.15 -16.83
N VAL A 75 6.06 6.47 -16.65
CA VAL A 75 5.51 7.46 -17.59
C VAL A 75 3.97 7.44 -17.61
N GLY A 76 3.38 6.28 -17.85
CA GLY A 76 1.93 6.13 -17.93
C GLY A 76 1.21 6.33 -16.61
N GLU A 77 1.62 5.56 -15.60
CA GLU A 77 0.99 5.61 -14.28
C GLU A 77 1.74 6.49 -13.29
N LEU A 78 3.07 6.57 -13.44
CA LEU A 78 3.92 7.31 -12.49
C LEU A 78 4.00 8.81 -12.78
N ALA A 79 4.36 9.16 -14.01
CA ALA A 79 4.54 10.56 -14.41
C ALA A 79 3.24 11.36 -14.43
N ASP A 80 2.13 10.69 -14.76
CA ASP A 80 0.82 11.32 -14.82
C ASP A 80 0.27 11.65 -13.43
N THR A 81 0.59 10.80 -12.45
CA THR A 81 0.14 11.01 -11.07
C THR A 81 0.96 12.11 -10.39
N LEU A 82 2.27 12.12 -10.63
CA LEU A 82 3.17 13.11 -10.05
C LEU A 82 2.99 14.49 -10.68
N GLY A 83 2.80 14.51 -12.00
CA GLY A 83 2.53 15.75 -12.73
C GLY A 83 3.71 16.34 -13.47
N ARG A 84 4.71 15.50 -13.76
CA ARG A 84 5.90 15.93 -14.50
C ARG A 84 6.45 14.82 -15.40
N THR A 85 7.02 15.21 -16.54
CA THR A 85 7.49 14.28 -17.56
C THR A 85 8.77 13.56 -17.14
N ILE A 86 8.77 12.23 -17.31
CA ILE A 86 9.94 11.39 -17.04
C ILE A 86 10.38 10.70 -18.33
N ASP A 87 11.67 10.73 -18.61
CA ASP A 87 12.23 10.10 -19.82
C ASP A 87 12.67 8.66 -19.59
N VAL A 88 12.73 7.89 -20.67
CA VAL A 88 13.11 6.48 -20.61
C VAL A 88 14.41 6.23 -21.37
N ALA A 89 15.39 5.63 -20.69
CA ALA A 89 16.65 5.24 -21.29
C ALA A 89 16.75 3.73 -21.43
N LEU A 90 17.35 3.27 -22.52
CA LEU A 90 17.49 1.84 -22.79
C LEU A 90 18.95 1.40 -22.83
N GLN A 91 19.26 0.35 -22.08
CA GLN A 91 20.60 -0.23 -22.08
C GLN A 91 20.67 -1.38 -23.09
N ASP A 92 21.63 -1.29 -24.00
CA ASP A 92 21.80 -2.27 -25.08
C ASP A 92 22.40 -3.59 -24.57
N ARG A 93 23.49 -3.48 -23.80
CA ARG A 93 24.16 -4.65 -23.25
C ARG A 93 24.65 -4.37 -21.83
N PRO A 94 24.28 -5.26 -20.87
CA PRO A 94 24.70 -5.11 -19.47
C PRO A 94 26.22 -5.26 -19.31
N LEU A 95 26.91 -4.12 -19.32
CA LEU A 95 28.37 -4.08 -19.18
C LEU A 95 28.79 -3.66 -17.77
N GLY A 96 28.05 -2.71 -17.20
CA GLY A 96 28.34 -2.22 -15.85
C GLY A 96 27.52 -1.00 -15.48
N THR A 97 27.82 -0.44 -14.31
CA THR A 97 27.13 0.75 -13.80
C THR A 97 27.56 2.02 -14.52
N GLY A 98 28.81 2.05 -14.98
CA GLY A 98 29.36 3.18 -15.73
C GLY A 98 28.74 3.33 -17.11
N HIS A 99 28.44 2.20 -17.74
CA HIS A 99 27.79 2.17 -19.04
C HIS A 99 26.32 2.53 -18.94
N ALA A 100 25.70 2.17 -17.80
CA ALA A 100 24.29 2.46 -17.55
C ALA A 100 24.02 3.95 -17.38
N VAL A 101 24.95 4.65 -16.74
CA VAL A 101 24.87 6.10 -16.57
C VAL A 101 25.10 6.82 -17.90
N LEU A 102 25.99 6.25 -18.72
CA LEU A 102 26.27 6.76 -20.06
C LEU A 102 25.04 6.66 -20.97
N CYS A 103 24.25 5.60 -20.78
CA CYS A 103 22.98 5.42 -21.49
C CYS A 103 21.90 6.38 -20.99
N GLY A 104 22.05 6.83 -19.74
CA GLY A 104 21.14 7.81 -19.16
C GLY A 104 21.43 9.21 -19.66
N LEU A 105 22.70 9.48 -20.00
CA LEU A 105 23.13 10.78 -20.51
C LEU A 105 22.75 11.00 -21.97
N SER A 106 22.41 9.91 -22.67
CA SER A 106 22.03 9.97 -24.09
C SER A 106 20.70 10.69 -24.31
N ALA A 107 19.80 10.56 -23.33
CA ALA A 107 18.51 11.26 -23.38
C ALA A 107 18.67 12.75 -23.09
N LEU A 108 19.67 13.09 -22.30
CA LEU A 108 20.03 14.49 -22.02
C LEU A 108 20.67 15.15 -23.24
N PRO A 109 20.41 16.45 -23.45
CA PRO A 109 21.05 17.21 -24.53
C PRO A 109 22.57 17.27 -24.37
N ASP A 110 23.26 17.40 -25.50
CA ASP A 110 24.73 17.41 -25.53
C ASP A 110 25.33 18.66 -24.89
N ASP A 111 24.55 19.74 -24.82
CA ASP A 111 25.00 21.01 -24.26
C ASP A 111 24.35 21.31 -22.90
N TYR A 112 24.14 20.27 -22.10
CA TYR A 112 23.56 20.41 -20.76
C TYR A 112 24.61 20.95 -19.78
N ALA A 113 24.15 21.71 -18.79
CA ALA A 113 25.05 22.41 -17.87
C ALA A 113 24.92 21.98 -16.41
N GLY A 114 23.70 21.57 -16.02
CA GLY A 114 23.40 21.22 -14.64
C GLY A 114 24.04 19.93 -14.13
N ASN A 115 23.93 19.71 -12.82
CA ASN A 115 24.51 18.53 -12.17
C ASN A 115 23.76 17.24 -12.47
N VAL A 116 24.46 16.12 -12.33
CA VAL A 116 23.88 14.79 -12.59
C VAL A 116 23.85 13.97 -11.30
N VAL A 117 22.65 13.55 -10.90
CA VAL A 117 22.46 12.73 -9.71
C VAL A 117 22.22 11.27 -10.10
N VAL A 118 23.05 10.37 -9.57
CA VAL A 118 22.95 8.94 -9.86
C VAL A 118 22.30 8.20 -8.70
N THR A 119 21.19 7.52 -8.97
CA THR A 119 20.47 6.75 -7.95
C THR A 119 20.02 5.37 -8.46
N SER A 120 19.83 4.44 -7.53
CA SER A 120 19.42 3.08 -7.86
C SER A 120 17.93 2.86 -7.58
N GLY A 121 17.31 2.01 -8.39
CA GLY A 121 15.88 1.70 -8.25
C GLY A 121 15.54 0.76 -7.12
N ASP A 122 16.53 -0.02 -6.68
CA ASP A 122 16.34 -1.00 -5.61
C ASP A 122 16.65 -0.43 -4.21
N THR A 123 16.45 0.88 -4.05
CA THR A 123 16.62 1.55 -2.77
C THR A 123 15.31 2.23 -2.36
N PRO A 124 14.40 1.48 -1.71
CA PRO A 124 13.06 1.96 -1.40
C PRO A 124 12.98 2.98 -0.25
N LEU A 125 13.91 2.89 0.70
CA LEU A 125 13.89 3.76 1.87
C LEU A 125 14.54 5.13 1.66
N LEU A 126 15.14 5.31 0.47
CA LEU A 126 15.76 6.58 0.10
C LEU A 126 14.71 7.66 -0.07
N ASP A 127 14.72 8.63 0.84
CA ASP A 127 13.74 9.72 0.84
C ASP A 127 14.32 11.01 0.22
N ALA A 128 13.50 12.07 0.21
CA ALA A 128 13.88 13.35 -0.37
C ALA A 128 14.98 14.07 0.42
N ASP A 129 14.96 13.89 1.74
CA ASP A 129 15.91 14.55 2.64
C ASP A 129 17.36 14.11 2.41
N THR A 130 17.55 12.82 2.12
CA THR A 130 18.87 12.26 1.84
C THR A 130 19.40 12.76 0.48
N LEU A 131 18.48 12.88 -0.48
CA LEU A 131 18.82 13.38 -1.81
C LEU A 131 19.09 14.88 -1.81
N ALA A 132 18.36 15.61 -0.96
CA ALA A 132 18.54 17.05 -0.81
C ALA A 132 19.86 17.41 -0.13
N ASP A 133 20.28 16.56 0.81
CA ASP A 133 21.55 16.73 1.50
C ASP A 133 22.74 16.46 0.60
N LEU A 134 22.56 15.55 -0.36
CA LEU A 134 23.60 15.21 -1.32
C LEU A 134 23.91 16.36 -2.28
N ILE A 135 22.86 17.01 -2.78
CA ILE A 135 22.99 18.14 -3.70
C ILE A 135 23.54 19.38 -2.98
N ALA A 136 23.11 19.58 -1.74
CA ALA A 136 23.58 20.69 -0.91
C ALA A 136 25.07 20.57 -0.56
N THR A 137 25.52 19.32 -0.35
CA THR A 137 26.93 19.04 -0.09
C THR A 137 27.75 19.17 -1.38
N HIS A 138 27.12 18.84 -2.50
CA HIS A 138 27.75 18.93 -3.82
C HIS A 138 28.04 20.37 -4.24
N ARG A 139 27.13 21.28 -3.88
CA ARG A 139 27.25 22.70 -4.24
C ARG A 139 28.21 23.46 -3.32
N ALA A 140 28.34 23.00 -2.08
CA ALA A 140 29.14 23.68 -1.06
C ALA A 140 30.64 23.68 -1.35
N VAL A 141 31.20 22.50 -1.60
CA VAL A 141 32.62 22.35 -1.88
C VAL A 141 32.95 22.49 -3.37
N SER A 142 31.90 22.58 -4.19
CA SER A 142 32.02 22.66 -5.66
C SER A 142 32.84 21.50 -6.25
N ALA A 143 32.57 20.30 -5.74
CA ALA A 143 33.29 19.10 -6.15
C ALA A 143 32.78 18.55 -7.47
N ALA A 144 33.64 17.81 -8.18
CA ALA A 144 33.28 17.15 -9.42
C ALA A 144 32.42 15.91 -9.16
N VAL A 145 32.69 15.25 -8.04
CA VAL A 145 31.96 14.05 -7.64
C VAL A 145 31.67 14.05 -6.13
N THR A 146 30.40 13.88 -5.78
CA THR A 146 29.97 13.79 -4.39
C THR A 146 29.21 12.48 -4.18
N VAL A 147 29.70 11.66 -3.25
CA VAL A 147 29.15 10.33 -3.00
C VAL A 147 28.62 10.19 -1.58
N LEU A 148 27.42 9.64 -1.46
CA LEU A 148 26.83 9.32 -0.15
C LEU A 148 27.47 8.06 0.43
N THR A 149 27.79 8.11 1.71
CA THR A 149 28.44 7.00 2.41
C THR A 149 27.78 6.72 3.76
N THR A 150 27.86 5.47 4.21
CA THR A 150 27.31 5.07 5.51
C THR A 150 28.18 4.02 6.20
N THR A 151 27.95 3.82 7.49
CA THR A 151 28.71 2.84 8.27
C THR A 151 27.93 1.54 8.49
N LEU A 152 28.64 0.42 8.43
CA LEU A 152 28.07 -0.91 8.66
C LEU A 152 28.71 -1.62 9.85
N ASP A 153 28.05 -2.67 10.32
CA ASP A 153 28.54 -3.46 11.45
C ASP A 153 29.43 -4.60 10.97
N ARG A 160 32.10 -0.33 -0.66
CA ARG A 160 33.27 -0.68 0.16
C ARG A 160 34.36 0.37 -0.02
N ILE A 161 34.28 1.42 0.79
CA ILE A 161 35.17 2.59 0.68
C ILE A 161 36.60 2.28 1.11
N LEU A 162 37.55 2.59 0.22
CA LEU A 162 38.98 2.47 0.51
C LEU A 162 39.52 3.78 1.06
N ARG A 163 40.40 3.67 2.06
CA ARG A 163 41.01 4.84 2.70
C ARG A 163 42.53 4.68 2.76
N THR A 164 43.24 5.80 2.63
CA THR A 164 44.70 5.79 2.62
C THR A 164 45.27 5.68 4.04
N GLN A 165 45.78 6.78 4.57
CA GLN A 165 46.38 6.80 5.91
C GLN A 165 46.00 8.07 6.68
N ASP A 166 45.88 9.19 5.95
CA ASP A 166 45.52 10.48 6.55
C ASP A 166 44.04 10.82 6.32
N HIS A 167 43.21 9.78 6.27
CA HIS A 167 41.76 9.89 6.08
C HIS A 167 41.36 10.67 4.83
N GLU A 168 41.49 10.01 3.67
CA GLU A 168 41.11 10.60 2.38
C GLU A 168 40.40 9.58 1.49
N VAL A 169 39.61 10.08 0.55
CA VAL A 169 38.84 9.24 -0.37
C VAL A 169 39.67 8.86 -1.60
N MET A 170 39.68 7.57 -1.94
CA MET A 170 40.41 7.07 -3.10
C MET A 170 39.51 6.31 -4.07
N ALA A 171 39.16 5.07 -3.73
CA ALA A 171 38.38 4.19 -4.61
C ALA A 171 37.46 3.26 -3.83
N ILE A 172 36.81 2.33 -4.54
CA ILE A 172 35.89 1.36 -3.94
C ILE A 172 36.36 -0.06 -4.26
N VAL A 173 36.51 -0.89 -3.23
CA VAL A 173 36.91 -2.29 -3.39
C VAL A 173 35.70 -3.22 -3.31
N GLN A 175 31.95 -5.82 -3.69
CA GLN A 175 31.28 -7.09 -3.95
C GLN A 175 31.80 -7.73 -5.23
N GLU A 187 32.81 1.48 7.46
CA GLU A 187 32.45 2.48 6.47
C GLU A 187 32.30 1.84 5.09
N VAL A 188 31.22 2.18 4.40
CA VAL A 188 30.89 1.54 3.12
C VAL A 188 30.32 2.53 2.08
N ASN A 189 30.43 2.16 0.81
CA ASN A 189 29.85 2.92 -0.28
C ASN A 189 28.36 2.60 -0.43
N ALA A 190 27.54 3.64 -0.56
CA ALA A 190 26.10 3.49 -0.68
C ALA A 190 25.65 3.21 -2.11
N GLY A 191 26.28 3.90 -3.07
CA GLY A 191 25.95 3.74 -4.49
C GLY A 191 25.17 4.91 -5.07
N VAL A 192 24.99 5.95 -4.25
CA VAL A 192 24.30 7.17 -4.68
C VAL A 192 25.33 8.27 -4.94
N TYR A 193 25.29 8.86 -6.13
CA TYR A 193 26.31 9.81 -6.56
C TYR A 193 25.74 11.16 -7.00
N ALA A 194 26.62 12.17 -7.01
CA ALA A 194 26.31 13.49 -7.54
C ALA A 194 27.48 13.99 -8.38
N PHE A 195 27.26 14.04 -9.70
CA PHE A 195 28.31 14.41 -10.65
C PHE A 195 28.11 15.79 -11.25
N ASP A 196 29.23 16.40 -11.64
CA ASP A 196 29.22 17.58 -12.50
C ASP A 196 29.32 17.09 -13.94
N ILE A 197 28.38 17.49 -14.78
CA ILE A 197 28.27 17.00 -16.16
C ILE A 197 29.50 17.30 -17.02
N ALA A 198 30.22 18.37 -16.68
CA ALA A 198 31.46 18.73 -17.38
C ALA A 198 32.59 17.76 -17.06
N ALA A 199 32.54 17.15 -15.87
CA ALA A 199 33.54 16.19 -15.43
C ALA A 199 33.12 14.74 -15.71
N LEU A 200 31.81 14.50 -15.72
CA LEU A 200 31.26 13.16 -15.96
C LEU A 200 31.40 12.73 -17.42
N ARG A 201 31.18 13.65 -18.35
CA ARG A 201 31.31 13.39 -19.78
C ARG A 201 32.77 13.16 -20.19
N SER A 202 33.68 13.84 -19.51
CA SER A 202 35.11 13.75 -19.81
C SER A 202 35.75 12.48 -19.25
N ALA A 203 35.23 12.00 -18.12
CA ALA A 203 35.77 10.80 -17.46
C ALA A 203 35.29 9.50 -18.09
N LEU A 204 34.07 9.50 -18.60
CA LEU A 204 33.48 8.32 -19.23
C LEU A 204 34.00 8.06 -20.64
N SER A 205 34.62 9.08 -21.24
CA SER A 205 35.22 8.96 -22.57
C SER A 205 36.50 8.14 -22.55
N ARG A 206 37.22 8.22 -21.44
CA ARG A 206 38.48 7.46 -21.26
C ARG A 206 38.21 6.11 -20.61
N LEU A 216 33.20 -2.14 -17.87
CA LEU A 216 33.59 -0.93 -17.14
C LEU A 216 32.56 -0.55 -16.08
N TYR A 217 33.05 -0.11 -14.92
CA TYR A 217 32.19 0.26 -13.79
C TYR A 217 32.20 1.76 -13.53
N LEU A 218 31.21 2.23 -12.76
CA LEU A 218 31.10 3.64 -12.39
C LEU A 218 32.08 4.00 -11.27
N THR A 219 32.53 2.99 -10.52
CA THR A 219 33.49 3.19 -9.43
C THR A 219 34.86 3.64 -9.94
N ASP A 220 35.16 3.30 -11.19
CA ASP A 220 36.40 3.71 -11.85
C ASP A 220 36.41 5.19 -12.18
N VAL A 221 35.22 5.76 -12.42
CA VAL A 221 35.05 7.19 -12.73
C VAL A 221 35.61 8.06 -11.61
N ILE A 222 35.33 7.70 -10.37
CA ILE A 222 35.86 8.39 -9.18
C ILE A 222 37.38 8.26 -9.11
N ALA A 223 37.90 7.08 -9.44
CA ALA A 223 39.33 6.80 -9.43
C ALA A 223 40.11 7.61 -10.47
N ILE A 224 39.50 7.79 -11.65
CA ILE A 224 40.08 8.61 -12.71
C ILE A 224 40.02 10.11 -12.37
N LEU A 225 38.91 10.53 -11.77
CA LEU A 225 38.74 11.92 -11.32
C LEU A 225 39.71 12.29 -10.20
N ARG A 226 40.03 11.31 -9.36
CA ARG A 226 41.01 11.49 -8.28
C ARG A 226 42.41 11.63 -8.86
N SER A 227 42.68 10.89 -9.93
CA SER A 227 43.96 10.96 -10.65
C SER A 227 44.12 12.27 -11.40
N ASP A 228 43.00 12.84 -11.84
CA ASP A 228 42.99 14.13 -12.53
C ASP A 228 43.25 15.29 -11.57
N GLY A 229 42.95 15.09 -10.29
CA GLY A 229 43.15 16.11 -9.26
C GLY A 229 41.86 16.86 -8.92
N GLN A 230 40.73 16.31 -9.37
CA GLN A 230 39.42 16.88 -9.05
C GLN A 230 39.05 16.63 -7.60
N THR A 231 38.22 17.52 -7.06
CA THR A 231 37.76 17.40 -5.67
C THR A 231 36.75 16.25 -5.54
N VAL A 232 37.08 15.30 -4.68
CA VAL A 232 36.18 14.18 -4.38
C VAL A 232 35.68 14.29 -2.94
N HIS A 233 34.36 14.33 -2.77
CA HIS A 233 33.75 14.53 -1.46
C HIS A 233 32.83 13.37 -1.07
N ALA A 234 32.79 13.08 0.22
CA ALA A 234 31.93 12.02 0.75
C ALA A 234 31.00 12.57 1.83
N SER A 235 29.69 12.48 1.57
CA SER A 235 28.67 12.90 2.53
C SER A 235 28.17 11.71 3.33
N HIS A 236 28.28 11.79 4.65
CA HIS A 236 27.92 10.68 5.54
C HIS A 236 26.45 10.73 5.96
N VAL A 237 25.80 9.57 5.88
CA VAL A 237 24.41 9.41 6.33
C VAL A 237 24.41 8.57 7.60
N ASP A 238 23.87 9.15 8.67
CA ASP A 238 23.82 8.49 9.98
C ASP A 238 22.87 7.30 10.00
N ASP A 239 21.75 7.44 9.28
CA ASP A 239 20.77 6.36 9.16
C ASP A 239 21.15 5.45 7.99
N SER A 240 21.59 4.25 8.31
CA SER A 240 22.10 3.29 7.32
C SER A 240 21.00 2.61 6.51
N ALA A 241 19.78 2.61 7.05
CA ALA A 241 18.63 1.95 6.42
C ALA A 241 18.11 2.68 5.18
N LEU A 242 18.35 4.00 5.12
CA LEU A 242 17.88 4.83 4.02
C LEU A 242 18.52 4.47 2.69
N VAL A 243 19.83 4.21 2.70
CA VAL A 243 20.58 3.92 1.48
C VAL A 243 20.88 2.42 1.29
N ALA A 244 20.07 1.58 1.92
CA ALA A 244 20.21 0.13 1.82
C ALA A 244 19.58 -0.41 0.53
N GLY A 245 20.33 -1.26 -0.18
CA GLY A 245 19.87 -1.83 -1.43
C GLY A 245 19.24 -3.21 -1.28
N VAL A 246 18.41 -3.58 -2.25
CA VAL A 246 17.71 -4.87 -2.23
C VAL A 246 18.19 -5.76 -3.38
N ASN A 247 18.75 -6.91 -3.04
CA ASN A 247 19.18 -7.90 -4.02
C ASN A 247 18.32 -9.16 -3.99
N ASN A 248 17.99 -9.62 -2.78
CA ASN A 248 17.12 -10.79 -2.59
C ASN A 248 15.86 -10.44 -1.80
N ARG A 249 14.96 -11.42 -1.69
CA ARG A 249 13.68 -11.23 -0.99
C ARG A 249 13.83 -11.16 0.53
N VAL A 250 15.00 -11.56 1.02
CA VAL A 250 15.34 -11.44 2.44
C VAL A 250 15.57 -9.96 2.78
N GLN A 251 16.38 -9.30 1.96
CA GLN A 251 16.67 -7.87 2.12
C GLN A 251 15.44 -6.99 1.87
N LEU A 252 14.53 -7.49 1.04
CA LEU A 252 13.25 -6.82 0.77
C LEU A 252 12.37 -6.84 2.01
N ALA A 253 12.36 -7.98 2.72
CA ALA A 253 11.60 -8.12 3.96
C ALA A 253 12.29 -7.45 5.15
N GLU A 254 13.62 -7.36 5.08
CA GLU A 254 14.41 -6.67 6.09
C GLU A 254 14.13 -5.17 6.11
N LEU A 255 13.88 -4.60 4.93
CA LEU A 255 13.56 -3.18 4.79
C LEU A 255 12.06 -2.91 4.83
N ALA A 256 11.26 -3.93 4.55
CA ALA A 256 9.80 -3.84 4.66
C ALA A 256 9.38 -3.75 6.12
N SER A 257 10.06 -4.50 6.98
CA SER A 257 9.84 -4.46 8.42
C SER A 257 10.45 -3.19 9.02
N GLU A 258 11.49 -2.68 8.37
CA GLU A 258 12.15 -1.45 8.79
C GLU A 258 11.30 -0.21 8.47
N LEU A 259 10.84 -0.12 7.22
CA LEU A 259 10.01 0.99 6.76
C LEU A 259 8.70 1.08 7.53
N ASN A 260 8.10 -0.07 7.82
CA ASN A 260 6.86 -0.15 8.59
C ASN A 260 7.05 0.29 10.04
N ARG A 261 8.21 -0.01 10.61
CA ARG A 261 8.54 0.34 12.00
C ARG A 261 8.54 1.86 12.22
N ARG A 262 8.99 2.61 11.21
CA ARG A 262 9.00 4.07 11.25
C ARG A 262 7.60 4.66 11.13
N VAL A 263 6.76 4.04 10.31
CA VAL A 263 5.38 4.51 10.08
C VAL A 263 4.51 4.28 11.31
N VAL A 264 4.56 3.07 11.88
CA VAL A 264 3.81 2.72 13.08
C VAL A 264 4.17 3.65 14.25
N ALA A 265 5.47 3.92 14.41
CA ALA A 265 5.97 4.81 15.45
C ALA A 265 5.55 6.27 15.23
N ALA A 266 5.42 6.66 13.97
CA ALA A 266 5.00 8.02 13.60
C ALA A 266 3.54 8.28 13.95
N HIS A 267 2.70 7.26 13.82
CA HIS A 267 1.29 7.34 14.21
C HIS A 267 1.14 7.37 15.73
N GLN A 268 2.00 6.63 16.43
CA GLN A 268 2.01 6.58 17.89
C GLN A 268 2.36 7.93 18.51
N LEU A 269 3.29 8.64 17.87
CA LEU A 269 3.67 9.99 18.29
C LEU A 269 2.59 11.01 17.94
N ALA A 270 1.83 10.73 16.88
CA ALA A 270 0.74 11.60 16.43
C ALA A 270 -0.50 11.44 17.32
N GLY A 271 -0.74 10.21 17.80
CA GLY A 271 -1.87 9.93 18.68
C GLY A 271 -2.62 8.66 18.32
N VAL A 272 -1.88 7.56 18.20
CA VAL A 272 -2.46 6.25 17.90
C VAL A 272 -1.90 5.19 18.84
N THR A 273 -2.79 4.57 19.62
CA THR A 273 -2.39 3.53 20.56
C THR A 273 -2.28 2.18 19.85
N VAL A 274 -1.06 1.85 19.43
CA VAL A 274 -0.78 0.56 18.79
C VAL A 274 -0.32 -0.43 19.86
N VAL A 275 -1.02 -1.56 19.96
CA VAL A 275 -0.71 -2.59 20.95
C VAL A 275 0.57 -3.33 20.59
N ASP A 276 0.65 -3.84 19.36
CA ASP A 276 1.83 -4.55 18.88
C ASP A 276 2.30 -3.98 17.53
N PRO A 277 3.40 -3.20 17.55
CA PRO A 277 3.96 -2.58 16.35
C PRO A 277 4.56 -3.59 15.37
N ALA A 278 4.96 -4.76 15.88
CA ALA A 278 5.59 -5.81 15.06
C ALA A 278 4.60 -6.49 14.12
N THR A 279 3.34 -6.61 14.55
CA THR A 279 2.30 -7.27 13.76
C THR A 279 1.40 -6.27 13.01
N THR A 280 1.41 -5.02 13.45
CA THR A 280 0.64 -3.97 12.80
C THR A 280 1.37 -3.45 11.56
N TRP A 281 0.73 -3.61 10.40
CA TRP A 281 1.30 -3.17 9.13
C TRP A 281 0.54 -1.98 8.56
N ILE A 282 1.24 -0.86 8.42
CA ILE A 282 0.65 0.38 7.90
C ILE A 282 1.43 0.85 6.67
N ASP A 283 0.72 0.96 5.54
CA ASP A 283 1.31 1.42 4.29
C ASP A 283 1.39 2.94 4.25
N VAL A 284 2.02 3.46 3.19
CA VAL A 284 2.09 4.91 2.95
C VAL A 284 0.72 5.46 2.54
N ASP A 285 0.52 6.76 2.79
CA ASP A 285 -0.74 7.46 2.52
C ASP A 285 -1.89 7.06 3.47
N VAL A 286 -1.67 6.02 4.26
CA VAL A 286 -2.66 5.55 5.24
C VAL A 286 -2.69 6.49 6.45
N THR A 287 -3.84 7.12 6.67
CA THR A 287 -4.00 8.07 7.78
C THR A 287 -4.89 7.51 8.88
N ILE A 288 -4.43 7.64 10.12
CA ILE A 288 -5.17 7.16 11.30
C ILE A 288 -5.46 8.34 12.22
N GLY A 289 -6.68 8.37 12.76
CA GLY A 289 -7.15 9.48 13.59
C GLY A 289 -6.56 9.54 14.99
N ARG A 290 -7.07 10.48 15.79
CA ARG A 290 -6.58 10.75 17.14
C ARG A 290 -7.20 9.79 18.16
N ASP A 291 -6.39 9.36 19.12
CA ASP A 291 -6.80 8.50 20.24
C ASP A 291 -7.48 7.20 19.80
N THR A 292 -6.83 6.50 18.88
CA THR A 292 -7.35 5.26 18.31
C THR A 292 -6.57 4.04 18.81
N VAL A 293 -7.28 2.93 19.01
CA VAL A 293 -6.66 1.69 19.48
C VAL A 293 -6.61 0.64 18.36
N ILE A 294 -5.40 0.22 18.01
CA ILE A 294 -5.21 -0.82 16.99
C ILE A 294 -4.60 -2.06 17.63
N HIS A 295 -5.32 -3.18 17.52
CA HIS A 295 -4.91 -4.45 18.12
C HIS A 295 -4.00 -5.27 17.19
N PRO A 296 -3.21 -6.21 17.76
CA PRO A 296 -2.22 -6.98 17.00
C PRO A 296 -2.80 -7.78 15.82
N GLY A 297 -2.02 -7.86 14.74
CA GLY A 297 -2.40 -8.62 13.55
C GLY A 297 -3.18 -7.83 12.52
N THR A 298 -3.11 -6.50 12.62
CA THR A 298 -3.86 -5.61 11.73
C THR A 298 -3.00 -5.12 10.56
N GLN A 299 -3.56 -5.20 9.36
CA GLN A 299 -2.89 -4.72 8.15
C GLN A 299 -3.72 -3.61 7.48
N LEU A 300 -3.23 -2.38 7.59
CA LEU A 300 -3.84 -1.23 6.93
C LEU A 300 -3.10 -0.93 5.62
N LEU A 301 -3.71 -1.32 4.51
CA LEU A 301 -3.05 -1.28 3.20
C LEU A 301 -3.68 -0.27 2.24
N GLY A 302 -2.92 0.13 1.23
CA GLY A 302 -3.40 1.03 0.19
C GLY A 302 -3.58 2.46 0.67
N ARG A 303 -4.80 2.97 0.57
CA ARG A 303 -5.14 4.30 1.05
C ARG A 303 -6.26 4.21 2.09
N THR A 304 -5.98 3.50 3.19
CA THR A 304 -6.93 3.31 4.28
C THR A 304 -7.01 4.58 5.13
N GLN A 305 -8.24 4.99 5.44
CA GLN A 305 -8.48 6.15 6.29
C GLN A 305 -9.21 5.75 7.57
N ILE A 306 -8.67 6.16 8.71
CA ILE A 306 -9.26 5.86 10.01
C ILE A 306 -9.60 7.15 10.75
N GLY A 307 -10.83 7.24 11.25
CA GLY A 307 -11.29 8.40 12.01
C GLY A 307 -10.75 8.42 13.44
N GLY A 308 -11.24 9.37 14.23
CA GLY A 308 -10.81 9.52 15.62
C GLY A 308 -11.55 8.64 16.60
N ARG A 309 -10.86 8.24 17.66
CA ARG A 309 -11.40 7.37 18.73
C ARG A 309 -12.02 6.06 18.21
N CYS A 310 -11.27 5.39 17.33
CA CYS A 310 -11.70 4.13 16.73
C CYS A 310 -11.04 2.93 17.38
N VAL A 311 -11.79 1.84 17.52
CA VAL A 311 -11.27 0.60 18.07
C VAL A 311 -11.11 -0.44 16.96
N VAL A 312 -9.88 -0.53 16.43
CA VAL A 312 -9.56 -1.52 15.40
C VAL A 312 -9.13 -2.81 16.07
N GLY A 313 -9.93 -3.85 15.90
CA GLY A 313 -9.71 -5.14 16.56
C GLY A 313 -8.59 -5.97 15.96
N PRO A 314 -8.32 -7.16 16.56
CA PRO A 314 -7.25 -8.05 16.12
C PRO A 314 -7.57 -8.70 14.78
N ASP A 315 -6.51 -9.11 14.06
CA ASP A 315 -6.61 -9.81 12.78
C ASP A 315 -7.54 -9.12 11.78
N THR A 316 -7.23 -7.85 11.50
CA THR A 316 -8.04 -7.03 10.60
C THR A 316 -7.23 -6.61 9.37
N THR A 317 -7.81 -6.81 8.19
CA THR A 317 -7.17 -6.44 6.94
C THR A 317 -8.04 -5.46 6.16
N LEU A 318 -7.50 -4.26 5.91
CA LEU A 318 -8.22 -3.22 5.17
C LEU A 318 -7.37 -2.64 4.05
N THR A 319 -7.97 -2.54 2.86
CA THR A 319 -7.30 -1.99 1.69
C THR A 319 -8.18 -0.95 0.99
N ASP A 320 -7.74 0.30 1.01
CA ASP A 320 -8.47 1.44 0.45
C ASP A 320 -9.86 1.62 1.07
N VAL A 321 -9.93 1.42 2.39
CA VAL A 321 -11.20 1.49 3.12
C VAL A 321 -11.25 2.74 4.01
N ALA A 322 -12.31 3.54 3.86
CA ALA A 322 -12.51 4.73 4.67
C ALA A 322 -13.35 4.41 5.90
N VAL A 323 -12.85 4.79 7.07
CA VAL A 323 -13.53 4.53 8.34
C VAL A 323 -13.81 5.85 9.06
N GLY A 324 -15.07 6.02 9.48
CA GLY A 324 -15.51 7.24 10.17
C GLY A 324 -15.07 7.30 11.62
N ASP A 325 -15.40 8.42 12.28
CA ASP A 325 -15.00 8.68 13.67
C ASP A 325 -15.80 7.82 14.66
N GLY A 326 -15.08 7.17 15.57
CA GLY A 326 -15.68 6.37 16.63
C GLY A 326 -16.20 5.01 16.20
N ALA A 327 -15.80 4.58 15.01
CA ALA A 327 -16.25 3.30 14.45
C ALA A 327 -15.35 2.15 14.87
N SER A 328 -15.95 0.99 15.14
CA SER A 328 -15.22 -0.20 15.56
C SER A 328 -15.08 -1.19 14.42
N VAL A 329 -13.83 -1.49 14.06
CA VAL A 329 -13.52 -2.44 12.98
C VAL A 329 -12.73 -3.62 13.55
N VAL A 330 -13.46 -4.65 13.98
CA VAL A 330 -12.85 -5.83 14.59
C VAL A 330 -12.93 -7.03 13.65
N ARG A 331 -11.82 -7.74 13.49
CA ARG A 331 -11.74 -8.96 12.69
C ARG A 331 -12.46 -8.84 11.34
N THR A 332 -11.97 -7.92 10.50
CA THR A 332 -12.63 -7.60 9.24
C THR A 332 -11.66 -7.68 8.05
N HIS A 333 -12.12 -8.32 6.97
CA HIS A 333 -11.37 -8.37 5.72
C HIS A 333 -12.04 -7.45 4.71
N GLY A 334 -11.57 -6.21 4.64
CA GLY A 334 -12.17 -5.19 3.79
C GLY A 334 -11.32 -4.74 2.63
N SER A 335 -11.98 -4.39 1.53
CA SER A 335 -11.31 -3.86 0.34
C SER A 335 -12.24 -2.91 -0.41
N SER A 336 -11.78 -1.66 -0.59
CA SER A 336 -12.54 -0.59 -1.26
C SER A 336 -13.95 -0.43 -0.69
N SER A 337 -14.01 -0.02 0.58
CA SER A 337 -15.28 0.13 1.30
C SER A 337 -15.34 1.44 2.08
N SER A 338 -16.52 1.76 2.61
CA SER A 338 -16.72 2.95 3.43
C SER A 338 -17.55 2.65 4.68
N ILE A 339 -17.01 3.03 5.84
CA ILE A 339 -17.66 2.81 7.11
C ILE A 339 -17.99 4.16 7.77
N GLY A 340 -19.25 4.31 8.21
CA GLY A 340 -19.73 5.55 8.80
C GLY A 340 -19.23 5.84 10.20
N ASP A 341 -19.68 6.96 10.75
CA ASP A 341 -19.27 7.40 12.09
C ASP A 341 -19.97 6.60 13.18
N GLY A 342 -19.17 6.01 14.07
CA GLY A 342 -19.68 5.22 15.20
C GLY A 342 -20.35 3.93 14.80
N ALA A 343 -19.82 3.30 13.74
CA ALA A 343 -20.38 2.06 13.20
C ALA A 343 -19.61 0.83 13.65
N ALA A 344 -20.33 -0.19 14.08
CA ALA A 344 -19.73 -1.42 14.59
C ALA A 344 -19.62 -2.50 13.50
N VAL A 345 -18.40 -2.71 13.03
CA VAL A 345 -18.12 -3.73 12.02
C VAL A 345 -17.31 -4.87 12.64
N GLY A 346 -17.85 -6.09 12.56
CA GLY A 346 -17.16 -7.27 13.07
C GLY A 346 -17.74 -7.85 14.34
N PRO A 347 -17.18 -8.97 14.82
CA PRO A 347 -16.05 -9.68 14.20
C PRO A 347 -16.50 -10.59 13.05
N PHE A 348 -15.53 -11.23 12.38
CA PHE A 348 -15.78 -12.19 11.30
C PHE A 348 -16.57 -11.59 10.13
N THR A 349 -16.19 -10.39 9.69
CA THR A 349 -16.87 -9.71 8.59
C THR A 349 -15.97 -9.62 7.35
N TYR A 350 -16.55 -9.91 6.19
CA TYR A 350 -15.83 -9.82 4.92
C TYR A 350 -16.48 -8.78 4.00
N LEU A 351 -15.74 -7.71 3.74
CA LEU A 351 -16.22 -6.61 2.90
C LEU A 351 -15.62 -6.69 1.49
N ARG A 352 -16.46 -6.45 0.49
CA ARG A 352 -16.04 -6.50 -0.91
C ARG A 352 -16.27 -5.14 -1.59
N PRO A 353 -15.47 -4.82 -2.63
CA PRO A 353 -15.54 -3.53 -3.33
C PRO A 353 -16.96 -3.06 -3.63
N GLY A 354 -17.32 -1.89 -3.10
CA GLY A 354 -18.65 -1.32 -3.29
C GLY A 354 -19.49 -1.27 -2.03
N THR A 355 -18.93 -1.76 -0.92
CA THR A 355 -19.60 -1.77 0.38
C THR A 355 -19.64 -0.36 0.97
N ALA A 356 -20.85 0.07 1.36
CA ALA A 356 -21.04 1.40 1.94
C ALA A 356 -21.96 1.35 3.16
N LEU A 357 -21.37 1.24 4.35
CA LEU A 357 -22.11 1.25 5.60
C LEU A 357 -22.21 2.66 6.14
N GLY A 358 -23.42 3.05 6.56
CA GLY A 358 -23.66 4.39 7.11
C GLY A 358 -23.25 4.52 8.56
N ALA A 359 -23.66 5.63 9.18
CA ALA A 359 -23.35 5.91 10.58
C ALA A 359 -24.18 5.03 11.52
N ASP A 360 -23.57 4.65 12.65
CA ASP A 360 -24.22 3.83 13.69
C ASP A 360 -24.74 2.46 13.20
N GLY A 361 -24.43 2.12 11.95
CA GLY A 361 -24.83 0.84 11.36
C GLY A 361 -23.97 -0.31 11.88
N LYS A 362 -24.58 -1.47 12.04
CA LYS A 362 -23.89 -2.63 12.60
C LYS A 362 -23.76 -3.77 11.60
N LEU A 363 -22.53 -4.22 11.40
CA LEU A 363 -22.24 -5.44 10.64
C LEU A 363 -21.62 -6.46 11.58
N GLY A 364 -22.44 -7.42 12.03
CA GLY A 364 -22.03 -8.37 13.06
C GLY A 364 -21.17 -9.51 12.58
N ALA A 365 -21.40 -10.69 13.17
CA ALA A 365 -20.59 -11.87 12.91
C ALA A 365 -21.02 -12.65 11.68
N PHE A 366 -20.03 -13.14 10.93
CA PHE A 366 -20.23 -13.98 9.75
C PHE A 366 -21.07 -13.30 8.65
N VAL A 367 -20.76 -12.03 8.40
CA VAL A 367 -21.49 -11.22 7.42
C VAL A 367 -20.60 -10.88 6.22
N GLU A 368 -21.16 -11.06 5.02
CA GLU A 368 -20.47 -10.70 3.78
C GLU A 368 -21.29 -9.69 2.99
N VAL A 369 -20.63 -8.59 2.60
CA VAL A 369 -21.29 -7.53 1.82
C VAL A 369 -20.51 -7.28 0.52
N LYS A 370 -21.22 -7.36 -0.60
CA LYS A 370 -20.63 -7.13 -1.92
C LYS A 370 -21.41 -6.08 -2.70
N ASN A 371 -20.75 -4.97 -3.03
CA ASN A 371 -21.33 -3.87 -3.81
C ASN A 371 -22.74 -3.47 -3.36
N SER A 372 -22.86 -3.15 -2.07
CA SER A 372 -24.15 -2.81 -1.49
C SER A 372 -24.08 -1.59 -0.57
N THR A 373 -25.11 -0.76 -0.63
CA THR A 373 -25.21 0.43 0.21
C THR A 373 -26.14 0.18 1.39
N ILE A 374 -25.61 0.38 2.60
CA ILE A 374 -26.36 0.17 3.83
C ILE A 374 -26.60 1.50 4.53
N GLY A 375 -27.85 1.74 4.94
CA GLY A 375 -28.26 3.02 5.51
C GLY A 375 -27.78 3.30 6.93
N THR A 376 -28.19 4.45 7.46
CA THR A 376 -27.79 4.91 8.78
C THR A 376 -28.60 4.21 9.88
N GLY A 377 -27.89 3.43 10.70
CA GLY A 377 -28.51 2.73 11.83
C GLY A 377 -29.05 1.35 11.51
N THR A 378 -28.70 0.82 10.33
CA THR A 378 -29.15 -0.50 9.90
C THR A 378 -28.25 -1.58 10.46
N LYS A 379 -28.86 -2.62 11.04
CA LYS A 379 -28.11 -3.71 11.67
C LYS A 379 -28.21 -5.02 10.87
N VAL A 380 -27.05 -5.49 10.42
CA VAL A 380 -26.93 -6.78 9.72
C VAL A 380 -26.02 -7.67 10.56
N PRO A 381 -26.61 -8.41 11.52
CA PRO A 381 -25.85 -9.08 12.57
C PRO A 381 -25.33 -10.50 12.30
N HIS A 382 -26.23 -11.45 12.02
CA HIS A 382 -25.86 -12.87 12.05
C HIS A 382 -25.98 -13.60 10.71
N LEU A 383 -24.87 -14.23 10.30
CA LEU A 383 -24.82 -15.16 9.17
C LEU A 383 -25.55 -14.67 7.91
N THR A 384 -25.13 -13.52 7.41
CA THR A 384 -25.83 -12.87 6.29
C THR A 384 -24.94 -12.53 5.11
N TYR A 385 -25.53 -12.49 3.92
CA TYR A 385 -24.86 -12.01 2.71
C TYR A 385 -25.71 -10.98 1.98
N VAL A 386 -25.19 -9.75 1.88
CA VAL A 386 -25.87 -8.67 1.19
C VAL A 386 -25.11 -8.34 -0.10
N GLY A 387 -25.61 -8.86 -1.22
CA GLY A 387 -24.98 -8.65 -2.52
C GLY A 387 -25.86 -7.86 -3.47
N ASP A 388 -25.33 -6.73 -3.93
CA ASP A 388 -26.03 -5.81 -4.85
C ASP A 388 -27.41 -5.40 -4.34
N ALA A 389 -27.42 -4.65 -3.23
CA ALA A 389 -28.66 -4.20 -2.60
C ALA A 389 -28.53 -2.81 -1.97
N ASP A 390 -29.66 -2.14 -1.80
CA ASP A 390 -29.69 -0.81 -1.17
C ASP A 390 -30.69 -0.80 0.00
N ILE A 391 -30.16 -0.64 1.20
CA ILE A 391 -30.99 -0.66 2.42
C ILE A 391 -31.12 0.74 3.01
N GLY A 392 -32.34 1.08 3.45
CA GLY A 392 -32.64 2.39 4.02
C GLY A 392 -32.13 2.57 5.44
N GLU A 393 -32.55 3.66 6.08
CA GLU A 393 -32.09 4.02 7.42
C GLU A 393 -32.83 3.27 8.52
N TYR A 394 -32.08 2.87 9.55
CA TYR A 394 -32.62 2.22 10.76
C TYR A 394 -33.43 0.95 10.48
N SER A 395 -32.95 0.14 9.54
CA SER A 395 -33.60 -1.13 9.19
C SER A 395 -32.94 -2.30 9.91
N ASN A 396 -33.47 -3.51 9.70
CA ASN A 396 -32.93 -4.72 10.31
C ASN A 396 -32.99 -5.92 9.37
N ILE A 397 -31.89 -6.67 9.30
CA ILE A 397 -31.81 -7.88 8.49
C ILE A 397 -31.82 -9.11 9.40
N GLY A 398 -32.70 -10.06 9.09
CA GLY A 398 -32.81 -11.30 9.87
C GLY A 398 -31.63 -12.22 9.70
N ALA A 399 -31.44 -13.11 10.67
CA ALA A 399 -30.31 -14.04 10.67
C ALA A 399 -30.46 -15.15 9.62
N SER A 400 -29.32 -15.57 9.07
CA SER A 400 -29.26 -16.61 8.02
C SER A 400 -29.99 -16.23 6.73
N SER A 401 -29.97 -14.94 6.40
CA SER A 401 -30.63 -14.41 5.20
C SER A 401 -29.61 -13.97 4.15
N VAL A 402 -29.89 -14.27 2.89
CA VAL A 402 -28.98 -13.92 1.79
C VAL A 402 -29.68 -13.19 0.64
N PHE A 403 -28.91 -12.35 -0.07
CA PHE A 403 -29.40 -11.61 -1.22
C PHE A 403 -28.91 -12.26 -2.51
N VAL A 404 -29.81 -12.99 -3.18
CA VAL A 404 -29.48 -13.71 -4.41
C VAL A 404 -29.58 -12.77 -5.62
N ASN A 405 -28.60 -12.88 -6.51
CA ASN A 405 -28.56 -12.06 -7.73
C ASN A 405 -29.07 -12.81 -8.96
N ARG A 413 -31.78 -4.46 -9.52
CA ARG A 413 -31.07 -4.38 -8.25
C ARG A 413 -32.05 -4.32 -7.07
N THR A 414 -31.76 -5.09 -6.03
CA THR A 414 -32.61 -5.18 -4.85
C THR A 414 -32.59 -3.89 -4.04
N THR A 415 -33.76 -3.48 -3.54
CA THR A 415 -33.89 -2.26 -2.76
C THR A 415 -34.76 -2.50 -1.51
N VAL A 416 -34.21 -2.14 -0.35
CA VAL A 416 -34.91 -2.24 0.93
C VAL A 416 -35.12 -0.83 1.49
N GLY A 417 -36.33 -0.56 1.98
CA GLY A 417 -36.68 0.74 2.53
C GLY A 417 -36.15 1.00 3.93
N SER A 418 -36.66 2.06 4.55
CA SER A 418 -36.26 2.46 5.91
C SER A 418 -37.17 1.84 6.96
N HIS A 419 -36.61 1.58 8.14
CA HIS A 419 -37.33 0.98 9.27
C HIS A 419 -37.95 -0.38 8.94
N VAL A 420 -37.25 -1.16 8.12
CA VAL A 420 -37.74 -2.46 7.66
C VAL A 420 -37.12 -3.60 8.47
N ARG A 421 -37.97 -4.37 9.13
CA ARG A 421 -37.54 -5.56 9.89
C ARG A 421 -37.82 -6.84 9.11
N THR A 422 -36.82 -7.30 8.37
CA THR A 422 -36.92 -8.57 7.64
C THR A 422 -36.63 -9.73 8.58
N GLY A 423 -37.41 -10.80 8.46
CA GLY A 423 -37.28 -11.97 9.34
C GLY A 423 -36.05 -12.82 9.05
N SER A 424 -35.84 -13.83 9.90
CA SER A 424 -34.72 -14.74 9.76
C SER A 424 -34.92 -15.71 8.59
N ASP A 425 -33.82 -16.12 7.97
CA ASP A 425 -33.81 -17.01 6.81
C ASP A 425 -34.68 -16.48 5.65
N THR A 426 -34.47 -15.21 5.31
CA THR A 426 -35.22 -14.55 4.25
C THR A 426 -34.42 -14.54 2.94
N MET A 427 -34.93 -15.24 1.94
CA MET A 427 -34.30 -15.32 0.63
C MET A 427 -34.77 -14.16 -0.26
N PHE A 428 -33.80 -13.39 -0.76
CA PHE A 428 -34.10 -12.26 -1.63
C PHE A 428 -33.74 -12.57 -3.08
N VAL A 429 -34.76 -12.79 -3.90
CA VAL A 429 -34.58 -13.06 -5.33
C VAL A 429 -34.69 -11.76 -6.11
N ALA A 430 -33.56 -11.24 -6.56
CA ALA A 430 -33.49 -9.95 -7.27
C ALA A 430 -34.28 -9.94 -8.58
N PRO A 431 -34.95 -8.81 -8.88
CA PRO A 431 -35.04 -7.59 -8.07
C PRO A 431 -36.28 -7.54 -7.16
N VAL A 432 -36.09 -7.01 -5.95
CA VAL A 432 -37.17 -6.83 -4.99
C VAL A 432 -37.13 -5.41 -4.41
N THR A 433 -38.25 -4.70 -4.51
CA THR A 433 -38.39 -3.37 -3.93
C THR A 433 -39.27 -3.41 -2.69
N ILE A 434 -38.67 -3.14 -1.54
CA ILE A 434 -39.38 -3.15 -0.26
C ILE A 434 -39.66 -1.73 0.22
N GLY A 435 -40.92 -1.45 0.52
CA GLY A 435 -41.33 -0.13 1.00
C GLY A 435 -40.93 0.12 2.44
N ASP A 436 -41.04 1.38 2.87
CA ASP A 436 -40.62 1.80 4.21
C ASP A 436 -41.55 1.28 5.31
N GLY A 437 -40.95 0.67 6.33
CA GLY A 437 -41.69 0.19 7.50
C GLY A 437 -42.36 -1.17 7.32
N ALA A 438 -41.87 -1.94 6.36
CA ALA A 438 -42.44 -3.26 6.05
C ALA A 438 -41.84 -4.37 6.91
N TYR A 439 -42.52 -5.51 6.96
CA TYR A 439 -42.09 -6.67 7.74
C TYR A 439 -41.98 -7.94 6.89
N THR A 440 -41.23 -8.91 7.40
CA THR A 440 -41.08 -10.21 6.74
C THR A 440 -41.07 -11.31 7.81
N GLY A 441 -41.73 -12.43 7.49
CA GLY A 441 -41.79 -13.58 8.40
C GLY A 441 -40.50 -14.38 8.45
N ALA A 442 -40.40 -15.23 9.47
CA ALA A 442 -39.22 -16.09 9.64
C ALA A 442 -39.25 -17.28 8.68
N GLY A 443 -38.27 -17.34 7.81
CA GLY A 443 -38.18 -18.38 6.79
C GLY A 443 -39.08 -18.07 5.61
N THR A 444 -38.87 -16.90 5.01
CA THR A 444 -39.70 -16.43 3.90
C THR A 444 -38.86 -16.17 2.64
N VAL A 445 -39.28 -16.78 1.53
CA VAL A 445 -38.63 -16.57 0.24
C VAL A 445 -39.35 -15.44 -0.50
N VAL A 446 -38.71 -14.27 -0.54
CA VAL A 446 -39.28 -13.09 -1.17
C VAL A 446 -38.81 -12.99 -2.63
N ARG A 447 -39.78 -12.90 -3.55
CA ARG A 447 -39.50 -12.83 -4.98
C ARG A 447 -40.06 -11.56 -5.62
N GLU A 448 -41.16 -11.06 -5.06
CA GLU A 448 -41.84 -9.88 -5.59
C GLU A 448 -41.71 -8.66 -4.66
N ASP A 449 -42.21 -7.52 -5.12
CA ASP A 449 -42.13 -6.26 -4.38
C ASP A 449 -43.02 -6.26 -3.13
N VAL A 450 -42.52 -5.63 -2.07
CA VAL A 450 -43.25 -5.54 -0.80
C VAL A 450 -43.69 -4.09 -0.55
N PRO A 451 -45.01 -3.87 -0.39
CA PRO A 451 -45.58 -2.55 -0.10
C PRO A 451 -45.12 -1.98 1.24
N PRO A 452 -45.10 -0.64 1.39
CA PRO A 452 -44.72 0.00 2.65
C PRO A 452 -45.67 -0.35 3.79
N GLY A 453 -45.13 -0.94 4.85
CA GLY A 453 -45.93 -1.37 6.00
C GLY A 453 -46.75 -2.62 5.71
N ALA A 454 -46.10 -3.64 5.18
CA ALA A 454 -46.77 -4.90 4.83
C ALA A 454 -45.92 -6.12 5.20
N LEU A 455 -46.59 -7.15 5.70
CA LEU A 455 -45.93 -8.40 6.08
C LEU A 455 -45.79 -9.34 4.88
N ALA A 456 -44.58 -9.88 4.69
CA ALA A 456 -44.32 -10.86 3.66
C ALA A 456 -44.07 -12.24 4.29
N VAL A 457 -44.95 -13.19 3.99
CA VAL A 457 -44.86 -14.53 4.56
C VAL A 457 -45.04 -15.63 3.51
N SER A 458 -44.20 -16.67 3.62
CA SER A 458 -44.29 -17.85 2.75
C SER A 458 -43.94 -19.11 3.54
N ALA A 459 -43.70 -18.93 4.84
CA ALA A 459 -43.30 -20.02 5.73
C ALA A 459 -44.47 -20.95 6.04
N GLY A 460 -44.19 -22.25 6.06
CA GLY A 460 -45.16 -23.27 6.44
C GLY A 460 -45.35 -23.29 7.95
N PRO A 461 -46.60 -23.48 8.40
CA PRO A 461 -46.92 -23.50 9.84
C PRO A 461 -46.43 -24.77 10.51
N GLN A 462 -46.05 -24.65 11.79
CA GLN A 462 -45.47 -25.76 12.55
C GLN A 462 -46.49 -26.86 12.83
N ARG A 463 -46.08 -28.10 12.57
CA ARG A 463 -46.90 -29.28 12.83
C ARG A 463 -46.14 -30.26 13.73
N ASN A 464 -46.76 -30.61 14.85
CA ASN A 464 -46.14 -31.51 15.82
C ASN A 464 -46.74 -32.91 15.79
N ILE A 465 -45.86 -33.91 15.71
CA ILE A 465 -46.27 -35.31 15.74
C ILE A 465 -45.78 -35.96 17.03
N GLU A 466 -46.71 -36.19 17.95
CA GLU A 466 -46.40 -36.76 19.27
C GLU A 466 -46.04 -38.24 19.18
N ASN A 467 -45.04 -38.65 19.96
CA ASN A 467 -44.54 -40.03 20.00
C ASN A 467 -44.07 -40.56 18.64
N TRP A 468 -43.34 -39.71 17.91
CA TRP A 468 -42.76 -40.08 16.63
C TRP A 468 -41.42 -40.79 16.82
N VAL A 469 -40.67 -40.36 17.84
CA VAL A 469 -39.35 -40.91 18.16
C VAL A 469 -39.47 -42.35 18.67
N GLN A 470 -40.55 -42.64 19.38
CA GLN A 470 -40.80 -43.96 19.95
C GLN A 470 -41.10 -45.03 18.88
N ARG A 471 -41.61 -44.58 17.73
CA ARG A 471 -41.95 -45.49 16.63
C ARG A 471 -40.84 -45.59 15.59
N LYS A 472 -40.29 -44.44 15.19
CA LYS A 472 -39.26 -44.38 14.16
C LYS A 472 -37.89 -44.84 14.64
N ARG A 473 -37.46 -44.32 15.79
CA ARG A 473 -36.16 -44.67 16.37
C ARG A 473 -36.28 -45.82 17.37
N PRO A 474 -35.44 -46.86 17.21
CA PRO A 474 -35.45 -48.01 18.12
C PRO A 474 -34.88 -47.70 19.51
N GLY A 475 -33.99 -46.73 19.59
CA GLY A 475 -33.37 -46.35 20.85
C GLY A 475 -32.76 -44.95 20.83
N SER A 476 -31.59 -44.82 21.44
CA SER A 476 -30.83 -43.55 21.55
C SER A 476 -31.63 -42.39 22.21
N PRO A 477 -32.16 -41.44 21.42
CA PRO A 477 -32.89 -40.34 22.07
C PRO A 477 -34.32 -40.71 22.50
N ALA A 478 -34.75 -41.93 22.18
CA ALA A 478 -36.09 -42.41 22.53
C ALA A 478 -36.27 -42.59 24.04
N ALA A 479 -35.22 -43.07 24.70
CA ALA A 479 -35.22 -43.27 26.15
C ALA A 479 -34.37 -42.22 26.85
N GLN A 480 -34.98 -41.42 27.73
CA GLN A 480 -36.41 -41.50 28.02
C GLN A 480 -37.17 -40.28 27.50
N ALA A 481 -38.44 -40.49 27.18
CA ALA A 481 -39.31 -39.42 26.68
C ALA A 481 -40.58 -39.28 27.52
#